data_5FEZ
#
_entry.id   5FEZ
#
_cell.length_a   50.800
_cell.length_b   78.870
_cell.length_c   86.250
_cell.angle_alpha   90.00
_cell.angle_beta   90.00
_cell.angle_gamma   90.00
#
_symmetry.space_group_name_H-M   'P 21 21 21'
#
loop_
_entity.id
_entity.type
_entity.pdbx_description
1 polymer '[FeFe] hydrogenase maturase subunit HydE'
2 non-polymer 'Fe4-Se4 cluster'
3 non-polymer 3-[(3-CHOLAMIDOPROPYL)DIMETHYLAMMONIO]-1-PROPANESULFONATE
4 non-polymer 'CHLORIDE ION'
5 non-polymer "5'-DEOXYADENOSINE"
6 non-polymer METHIONINE
7 non-polymer '(2~{R},4~{R})-2-methyl-1,3-selenazolidine-2,4-dicarboxylic acid'
8 water water
#
_entity_poly.entity_id   1
_entity_poly.type   'polypeptide(L)'
_entity_poly.pdbx_seq_one_letter_code
;MWSHPQFEKASTGREILEKLERREFTREVLKEALSINDRGFNEALFKLADEIRRKYVGDEVHIRAIIEFSNVCRKNCLYC
GLRRDNKNLKRYRMTPEEIVERARLAVQFGAKTIVLQSGEDPYYMPDVISDIVKEIKKMGVAVTLSLGEWPREYYEKWKE
AGADRYLLRHETANPVLHRKLRPDTSFENRLNCLLTLKELGYETGAGSMVGLPGQTIDDLVDDLLFLKEHDFDMVGIGPF
IPHPDTPLANEKKGDFTLTLKMVALTRILLPDSNIPATTAMGTIVPGGREITLRCGANVIMPNWTPSPYRQLYQLYPGKI
SVFEKDTASIPSVMKMIELLGRKPGRDWGGRKRVFETV
;
_entity_poly.pdbx_strand_id   A
#
loop_
_chem_comp.id
_chem_comp.type
_chem_comp.name
_chem_comp.formula
5AD non-polymer 5'-DEOXYADENOSINE 'C10 H13 N5 O3'
9SE non-polymer '(2~{R},4~{R})-2-methyl-1,3-selenazolidine-2,4-dicarboxylic acid' 'C6 H9 N O4 Se'
CL non-polymer 'CHLORIDE ION' 'Cl -1'
CPS non-polymer 3-[(3-CHOLAMIDOPROPYL)DIMETHYLAMMONIO]-1-PROPANESULFONATE 'C32 H58 N2 O7 S'
SFS non-polymer 'Fe4-Se4 cluster' 'Fe4 Se4'
#
# COMPACT_ATOMS: atom_id res chain seq x y z
N THR A 12 5.86 20.97 -23.98
CA THR A 12 5.70 19.80 -24.74
C THR A 12 5.94 18.51 -23.93
N GLY A 13 5.11 17.57 -24.19
CA GLY A 13 5.21 16.33 -23.50
C GLY A 13 6.49 15.65 -23.83
N ARG A 14 6.99 15.83 -25.09
CA ARG A 14 8.18 15.16 -25.45
C ARG A 14 9.37 15.64 -24.58
N GLU A 15 9.45 16.92 -24.32
CA GLU A 15 10.50 17.47 -23.50
C GLU A 15 10.46 17.00 -22.06
N ILE A 16 9.27 16.90 -21.54
CA ILE A 16 9.11 16.36 -20.18
C ILE A 16 9.54 14.91 -20.08
N LEU A 17 9.18 14.11 -21.10
CA LEU A 17 9.65 12.71 -21.13
C LEU A 17 11.12 12.64 -21.17
N GLU A 18 11.73 13.53 -21.99
CA GLU A 18 13.19 13.52 -22.10
C GLU A 18 13.84 13.86 -20.79
N LYS A 19 13.25 14.81 -20.09
CA LYS A 19 13.81 15.19 -18.83
C LYS A 19 13.65 14.07 -17.79
N LEU A 20 12.50 13.38 -17.78
CA LEU A 20 12.34 12.20 -16.86
C LEU A 20 13.36 11.12 -17.22
N GLU A 21 13.57 10.86 -18.49
CA GLU A 21 14.55 9.86 -18.91
C GLU A 21 15.96 10.21 -18.50
N ARG A 22 16.27 11.48 -18.45
CA ARG A 22 17.61 11.95 -18.03
C ARG A 22 17.68 12.16 -16.53
N ARG A 23 16.64 11.74 -15.80
CA ARG A 23 16.62 11.92 -14.38
C ARG A 23 16.70 13.35 -13.85
N GLU A 24 16.07 14.31 -14.53
CA GLU A 24 15.96 15.71 -14.09
C GLU A 24 14.65 15.94 -13.39
N PHE A 25 14.62 15.52 -12.14
CA PHE A 25 13.42 15.50 -11.33
C PHE A 25 13.08 16.74 -10.53
N THR A 26 12.83 17.80 -11.22
CA THR A 26 12.49 19.01 -10.59
C THR A 26 11.07 19.11 -10.30
N ARG A 27 10.71 19.99 -9.43
CA ARG A 27 9.38 20.23 -9.10
C ARG A 27 8.61 20.63 -10.37
N GLU A 28 9.18 21.45 -11.23
CA GLU A 28 8.44 21.88 -12.38
C GLU A 28 8.19 20.74 -13.37
N VAL A 29 9.20 19.86 -13.51
CA VAL A 29 9.02 18.68 -14.43
C VAL A 29 7.86 17.75 -13.97
N LEU A 30 7.88 17.51 -12.63
CA LEU A 30 6.80 16.66 -12.06
C LEU A 30 5.43 17.26 -12.15
N LYS A 31 5.38 18.62 -11.87
CA LYS A 31 4.13 19.31 -11.98
C LYS A 31 3.58 19.25 -13.41
N GLU A 32 4.47 19.48 -14.39
N GLU A 32 4.51 19.49 -14.36
CA GLU A 32 4.00 19.47 -15.78
CA GLU A 32 4.16 19.46 -15.77
C GLU A 32 3.56 18.05 -16.17
C GLU A 32 3.65 18.08 -16.17
N ALA A 33 4.31 17.01 -15.75
CA ALA A 33 3.86 15.68 -16.04
C ALA A 33 2.47 15.35 -15.51
N LEU A 34 2.16 15.82 -14.28
CA LEU A 34 0.86 15.62 -13.72
C LEU A 34 -0.25 16.48 -14.28
N SER A 35 0.16 17.62 -14.88
CA SER A 35 -0.78 18.61 -15.44
C SER A 35 -1.19 18.33 -16.92
N ILE A 36 -0.32 17.75 -17.69
CA ILE A 36 -0.55 17.43 -19.11
C ILE A 36 -1.57 16.32 -19.23
N ASN A 37 -2.67 16.50 -19.96
CA ASN A 37 -3.72 15.49 -20.08
C ASN A 37 -3.76 14.79 -21.42
N ASP A 38 -2.83 15.05 -22.26
CA ASP A 38 -2.78 14.49 -23.57
C ASP A 38 -2.60 12.98 -23.53
N ARG A 39 -3.40 12.26 -24.31
CA ARG A 39 -3.33 10.81 -24.33
C ARG A 39 -1.99 10.29 -24.76
N GLY A 40 -1.41 10.86 -25.76
CA GLY A 40 -0.11 10.39 -26.24
C GLY A 40 0.96 10.56 -25.17
N PHE A 41 0.99 11.68 -24.50
CA PHE A 41 1.89 11.91 -23.40
C PHE A 41 1.67 10.85 -22.29
N ASN A 42 0.44 10.68 -21.89
CA ASN A 42 0.19 9.73 -20.82
C ASN A 42 0.62 8.35 -21.19
N GLU A 43 0.33 7.90 -22.38
CA GLU A 43 0.72 6.58 -22.76
C GLU A 43 2.23 6.43 -22.81
N ALA A 44 2.96 7.42 -23.26
CA ALA A 44 4.40 7.38 -23.25
C ALA A 44 4.96 7.35 -21.86
N LEU A 45 4.35 8.10 -20.95
CA LEU A 45 4.75 8.09 -19.54
C LEU A 45 4.57 6.66 -18.96
N PHE A 46 3.42 6.05 -19.24
CA PHE A 46 3.17 4.69 -18.75
C PHE A 46 4.18 3.71 -19.33
N LYS A 47 4.48 3.82 -20.59
N LYS A 47 4.48 3.81 -20.61
CA LYS A 47 5.46 2.95 -21.22
CA LYS A 47 5.49 2.96 -21.25
C LYS A 47 6.83 3.13 -20.60
C LYS A 47 6.87 3.12 -20.61
N LEU A 48 7.23 4.37 -20.29
CA LEU A 48 8.49 4.64 -19.66
C LEU A 48 8.55 3.94 -18.33
N ALA A 49 7.50 4.13 -17.51
CA ALA A 49 7.48 3.47 -16.20
C ALA A 49 7.52 1.97 -16.29
N ASP A 50 6.77 1.41 -17.24
CA ASP A 50 6.74 -0.05 -17.46
C ASP A 50 8.14 -0.55 -17.80
N GLU A 51 8.84 0.19 -18.67
CA GLU A 51 10.16 -0.22 -19.07
C GLU A 51 11.15 -0.09 -17.94
N ILE A 52 11.08 0.99 -17.15
CA ILE A 52 11.94 1.11 -15.99
C ILE A 52 11.72 -0.03 -15.01
N ARG A 53 10.40 -0.33 -14.76
CA ARG A 53 10.10 -1.47 -13.91
C ARG A 53 10.80 -2.75 -14.42
N ARG A 54 10.56 -3.06 -15.72
CA ARG A 54 11.14 -4.26 -16.21
C ARG A 54 12.67 -4.27 -16.06
N LYS A 55 13.29 -3.16 -16.38
CA LYS A 55 14.75 -3.13 -16.33
C LYS A 55 15.30 -3.21 -14.91
N TYR A 56 14.69 -2.58 -13.92
CA TYR A 56 15.24 -2.58 -12.62
C TYR A 56 14.76 -3.69 -11.69
N VAL A 57 13.49 -4.07 -11.79
CA VAL A 57 12.90 -5.06 -10.92
C VAL A 57 12.41 -6.33 -11.64
N GLY A 58 12.53 -6.41 -12.93
CA GLY A 58 12.21 -7.59 -13.68
C GLY A 58 10.75 -7.90 -13.76
N ASP A 59 10.48 -9.12 -14.18
CA ASP A 59 9.13 -9.59 -14.47
C ASP A 59 8.46 -10.29 -13.31
N GLU A 60 9.17 -10.51 -12.20
CA GLU A 60 8.53 -11.14 -11.06
CA GLU A 60 8.58 -11.10 -11.01
C GLU A 60 7.55 -10.17 -10.41
N VAL A 61 6.35 -10.70 -10.12
CA VAL A 61 5.37 -9.94 -9.35
C VAL A 61 5.26 -10.61 -8.01
N HIS A 62 5.59 -9.86 -6.95
CA HIS A 62 5.63 -10.44 -5.60
C HIS A 62 4.26 -10.42 -4.98
N ILE A 63 3.91 -11.53 -4.36
CA ILE A 63 2.59 -11.71 -3.73
C ILE A 63 2.70 -11.51 -2.26
N ARG A 64 1.93 -10.58 -1.72
CA ARG A 64 1.90 -10.39 -0.26
C ARG A 64 0.48 -10.71 0.19
N ALA A 65 0.31 -11.75 0.96
CA ALA A 65 -1.03 -12.12 1.43
C ALA A 65 -1.39 -11.32 2.66
N ILE A 66 -2.48 -10.61 2.57
N ILE A 66 -2.46 -10.55 2.53
CA ILE A 66 -2.87 -9.72 3.64
CA ILE A 66 -2.94 -9.65 3.62
C ILE A 66 -3.98 -10.33 4.49
C ILE A 66 -4.01 -10.26 4.48
N ILE A 67 -3.76 -10.29 5.77
CA ILE A 67 -4.77 -10.74 6.77
C ILE A 67 -5.14 -9.48 7.57
N GLU A 68 -6.39 -9.04 7.42
CA GLU A 68 -6.93 -7.87 8.09
C GLU A 68 -7.61 -8.39 9.35
N PHE A 69 -6.84 -8.42 10.44
CA PHE A 69 -7.18 -9.28 11.56
C PHE A 69 -8.08 -8.64 12.62
N SER A 70 -8.26 -7.32 12.56
CA SER A 70 -9.17 -6.59 13.46
C SER A 70 -9.59 -5.32 12.78
N ASN A 71 -10.89 -5.01 12.85
CA ASN A 71 -11.37 -3.73 12.32
C ASN A 71 -11.70 -2.72 13.43
N VAL A 72 -11.18 -2.98 14.63
CA VAL A 72 -11.31 -2.04 15.76
C VAL A 72 -10.28 -0.94 15.56
N CYS A 73 -10.72 0.31 15.68
CA CYS A 73 -9.77 1.43 15.64
C CYS A 73 -10.06 2.52 16.63
N ARG A 74 -9.01 3.02 17.24
CA ARG A 74 -9.11 4.14 18.19
C ARG A 74 -9.07 5.51 17.49
N LYS A 75 -8.69 5.60 16.23
CA LYS A 75 -8.60 6.87 15.51
C LYS A 75 -9.88 7.14 14.73
N ASN A 76 -9.95 8.35 14.14
CA ASN A 76 -11.16 8.86 13.56
C ASN A 76 -10.91 9.53 12.22
N CYS A 77 -9.96 9.02 11.46
CA CYS A 77 -9.66 9.64 10.15
C CYS A 77 -10.92 9.83 9.32
N LEU A 78 -11.00 10.98 8.68
CA LEU A 78 -12.28 11.35 8.09
C LEU A 78 -12.69 10.54 6.89
N TYR A 79 -11.64 9.96 6.22
CA TYR A 79 -11.85 9.19 4.98
C TYR A 79 -12.24 7.73 5.19
N CYS A 80 -12.01 7.23 6.40
CA CYS A 80 -11.94 5.79 6.60
C CYS A 80 -13.18 5.14 7.16
N GLY A 81 -13.68 4.08 6.54
CA GLY A 81 -14.81 3.39 7.05
C GLY A 81 -14.67 2.70 8.40
N LEU A 82 -13.46 2.53 8.90
CA LEU A 82 -13.22 1.98 10.20
C LEU A 82 -13.11 3.02 11.32
N ARG A 83 -13.28 4.28 10.98
CA ARG A 83 -13.11 5.34 11.99
C ARG A 83 -13.98 5.06 13.18
N ARG A 84 -13.49 5.49 14.36
CA ARG A 84 -14.21 5.13 15.60
C ARG A 84 -15.63 5.65 15.67
N ASP A 85 -15.90 6.79 15.04
CA ASP A 85 -17.27 7.31 15.08
C ASP A 85 -18.24 6.56 14.21
N ASN A 86 -17.79 5.58 13.41
CA ASN A 86 -18.74 4.81 12.61
C ASN A 86 -19.35 3.72 13.46
N LYS A 87 -20.58 3.98 13.91
CA LYS A 87 -21.38 2.95 14.63
C LYS A 87 -22.10 1.97 13.74
N ASN A 88 -22.07 2.16 12.41
CA ASN A 88 -22.82 1.28 11.50
CA ASN A 88 -22.80 1.30 11.45
C ASN A 88 -21.90 0.20 10.96
N LEU A 89 -21.11 -0.34 11.88
CA LEU A 89 -20.14 -1.41 11.55
C LEU A 89 -20.04 -2.38 12.66
N LYS A 90 -20.14 -3.64 12.33
CA LYS A 90 -19.89 -4.71 13.27
C LYS A 90 -18.35 -4.85 13.38
N ARG A 91 -17.89 -4.76 14.59
CA ARG A 91 -16.46 -4.85 14.89
C ARG A 91 -16.09 -6.29 15.19
N TYR A 92 -14.89 -6.65 14.75
CA TYR A 92 -14.38 -8.00 14.99
C TYR A 92 -12.92 -8.02 15.36
N ARG A 93 -12.52 -9.11 16.01
CA ARG A 93 -11.15 -9.41 16.29
C ARG A 93 -10.86 -10.87 16.07
N MET A 94 -9.87 -11.24 15.25
CA MET A 94 -9.44 -12.58 15.13
C MET A 94 -8.60 -12.97 16.31
N THR A 95 -8.68 -14.21 16.78
CA THR A 95 -7.82 -14.69 17.85
C THR A 95 -6.40 -14.89 17.33
N PRO A 96 -5.42 -14.87 18.21
CA PRO A 96 -4.04 -15.14 17.76
C PRO A 96 -3.91 -16.47 17.10
N GLU A 97 -4.56 -17.48 17.57
CA GLU A 97 -4.55 -18.80 16.89
C GLU A 97 -5.15 -18.71 15.51
N GLU A 98 -6.27 -18.07 15.34
CA GLU A 98 -6.85 -17.89 14.05
C GLU A 98 -5.89 -17.22 13.09
N ILE A 99 -5.23 -16.17 13.57
CA ILE A 99 -4.30 -15.40 12.70
C ILE A 99 -3.16 -16.26 12.26
N VAL A 100 -2.54 -16.95 13.22
CA VAL A 100 -1.38 -17.82 12.88
C VAL A 100 -1.80 -18.93 11.94
N GLU A 101 -2.97 -19.54 12.15
CA GLU A 101 -3.37 -20.61 11.28
C GLU A 101 -3.79 -20.14 9.89
N ARG A 102 -4.36 -18.93 9.82
CA ARG A 102 -4.68 -18.34 8.55
C ARG A 102 -3.41 -17.96 7.78
N ALA A 103 -2.40 -17.50 8.47
CA ALA A 103 -1.11 -17.25 7.84
C ALA A 103 -0.52 -18.57 7.34
N ARG A 104 -0.59 -19.65 8.16
CA ARG A 104 -0.05 -20.91 7.72
C ARG A 104 -0.71 -21.38 6.44
N LEU A 105 -2.04 -21.18 6.33
CA LEU A 105 -2.71 -21.55 5.10
C LEU A 105 -2.23 -20.79 3.90
N ALA A 106 -1.97 -19.45 4.09
CA ALA A 106 -1.39 -18.68 3.00
C ALA A 106 -0.02 -19.19 2.62
N VAL A 107 0.84 -19.56 3.56
CA VAL A 107 2.14 -20.11 3.24
C VAL A 107 1.95 -21.45 2.51
N GLN A 108 0.98 -22.26 2.92
CA GLN A 108 0.70 -23.49 2.20
C GLN A 108 0.29 -23.24 0.75
N PHE A 109 -0.38 -22.10 0.51
CA PHE A 109 -0.80 -21.69 -0.82
C PHE A 109 0.28 -20.98 -1.60
N GLY A 110 1.46 -20.83 -1.02
CA GLY A 110 2.62 -20.25 -1.78
C GLY A 110 2.95 -18.81 -1.44
N ALA A 111 2.27 -18.17 -0.50
CA ALA A 111 2.67 -16.81 -0.12
C ALA A 111 4.04 -16.84 0.56
N LYS A 112 4.89 -15.85 0.09
CA LYS A 112 6.21 -15.73 0.69
CA LYS A 112 6.23 -15.64 0.58
C LYS A 112 6.39 -14.50 1.58
N THR A 113 5.33 -13.65 1.64
CA THR A 113 5.17 -12.57 2.62
C THR A 113 3.77 -12.65 3.19
N ILE A 114 3.64 -12.52 4.48
CA ILE A 114 2.39 -12.34 5.20
C ILE A 114 2.33 -10.89 5.67
N VAL A 115 1.26 -10.19 5.32
CA VAL A 115 1.00 -8.85 5.81
C VAL A 115 -0.11 -8.92 6.85
N LEU A 116 0.17 -8.42 8.04
CA LEU A 116 -0.84 -8.30 9.11
C LEU A 116 -1.26 -6.84 9.20
N GLN A 117 -2.52 -6.58 8.95
CA GLN A 117 -3.05 -5.23 8.96
C GLN A 117 -4.23 -5.17 9.88
N SER A 118 -4.40 -4.03 10.54
CA SER A 118 -5.57 -3.82 11.38
C SER A 118 -5.85 -2.35 11.52
N GLY A 119 -7.01 -2.06 12.08
CA GLY A 119 -7.23 -0.76 12.73
C GLY A 119 -6.21 -0.58 13.85
N GLU A 120 -6.07 0.59 14.38
CA GLU A 120 -5.27 0.83 15.55
C GLU A 120 -6.02 0.29 16.78
N ASP A 121 -5.90 -1.00 17.01
CA ASP A 121 -6.68 -1.74 18.01
C ASP A 121 -5.80 -2.02 19.19
N PRO A 122 -6.01 -1.30 20.31
CA PRO A 122 -5.14 -1.47 21.48
C PRO A 122 -5.01 -2.92 21.99
N TYR A 123 -6.00 -3.76 21.78
CA TYR A 123 -6.03 -5.08 22.41
C TYR A 123 -4.75 -5.81 22.20
N TYR A 124 -4.19 -5.79 21.01
N TYR A 124 -4.20 -5.83 21.00
CA TYR A 124 -3.08 -6.64 20.61
CA TYR A 124 -3.09 -6.74 20.73
C TYR A 124 -1.73 -6.11 21.01
C TYR A 124 -1.73 -6.09 20.96
N MET A 125 -1.70 -4.82 21.43
CA MET A 125 -0.43 -4.08 21.35
C MET A 125 0.28 -3.97 22.68
N PRO A 126 1.58 -4.29 22.79
CA PRO A 126 2.44 -4.86 21.74
C PRO A 126 2.53 -6.36 21.76
N ASP A 127 2.25 -7.01 22.89
CA ASP A 127 2.73 -8.37 23.10
C ASP A 127 2.01 -9.40 22.30
N VAL A 128 0.73 -9.28 22.01
CA VAL A 128 0.02 -10.30 21.23
C VAL A 128 0.60 -10.28 19.81
N ILE A 129 0.84 -9.09 19.24
CA ILE A 129 1.50 -9.02 17.96
C ILE A 129 2.84 -9.72 17.99
N SER A 130 3.65 -9.43 19.00
CA SER A 130 4.95 -10.09 19.04
C SER A 130 4.83 -11.60 19.03
N ASP A 131 3.91 -12.14 19.78
CA ASP A 131 3.75 -13.60 19.81
C ASP A 131 3.34 -14.12 18.43
N ILE A 132 2.39 -13.44 17.76
CA ILE A 132 1.97 -13.87 16.42
C ILE A 132 3.09 -13.81 15.43
N VAL A 133 3.84 -12.73 15.44
CA VAL A 133 4.97 -12.55 14.56
C VAL A 133 5.96 -13.70 14.73
N LYS A 134 6.27 -14.02 15.97
CA LYS A 134 7.24 -15.11 16.21
C LYS A 134 6.76 -16.39 15.61
N GLU A 135 5.48 -16.71 15.76
CA GLU A 135 4.95 -17.98 15.23
C GLU A 135 4.96 -18.01 13.73
N ILE A 136 4.64 -16.88 13.09
CA ILE A 136 4.63 -16.87 11.61
C ILE A 136 6.02 -16.93 11.07
N LYS A 137 6.97 -16.26 11.73
CA LYS A 137 8.34 -16.30 11.27
C LYS A 137 8.91 -17.73 11.27
N LYS A 138 8.41 -18.62 12.09
CA LYS A 138 8.86 -19.99 12.06
C LYS A 138 8.59 -20.67 10.72
N MET A 139 7.62 -20.12 9.94
N MET A 139 7.65 -20.10 9.92
CA MET A 139 7.16 -20.65 8.68
CA MET A 139 7.35 -20.68 8.64
C MET A 139 8.11 -20.26 7.55
C MET A 139 8.19 -20.27 7.51
N GLY A 140 9.20 -19.48 7.83
CA GLY A 140 10.20 -19.20 6.81
C GLY A 140 9.77 -18.24 5.73
N VAL A 141 8.96 -17.26 6.08
CA VAL A 141 8.46 -16.23 5.22
C VAL A 141 8.74 -14.88 5.81
N ALA A 142 8.60 -13.85 4.96
CA ALA A 142 8.66 -12.48 5.44
C ALA A 142 7.37 -12.08 6.13
N VAL A 143 7.49 -11.25 7.15
CA VAL A 143 6.35 -10.69 7.84
C VAL A 143 6.38 -9.18 7.74
N THR A 144 5.27 -8.62 7.28
CA THR A 144 5.05 -7.19 7.16
C THR A 144 3.93 -6.80 8.07
N LEU A 145 4.14 -5.73 8.87
CA LEU A 145 3.10 -5.20 9.73
C LEU A 145 2.57 -3.89 9.18
N SER A 146 1.26 -3.68 9.39
CA SER A 146 0.56 -2.42 8.99
C SER A 146 -0.47 -2.13 10.08
N LEU A 147 0.02 -1.62 11.18
CA LEU A 147 -0.77 -1.48 12.39
C LEU A 147 -0.96 -0.05 12.80
N GLY A 148 -0.43 0.92 12.06
CA GLY A 148 -0.61 2.33 12.43
C GLY A 148 0.55 2.88 13.26
N GLU A 149 0.18 3.96 13.98
CA GLU A 149 1.14 4.73 14.78
C GLU A 149 1.15 4.25 16.23
N TRP A 150 2.34 3.85 16.67
CA TRP A 150 2.54 3.34 18.00
C TRP A 150 3.86 3.85 18.54
N PRO A 151 4.10 3.72 19.85
CA PRO A 151 5.38 4.14 20.41
C PRO A 151 6.55 3.38 19.83
N ARG A 152 7.75 4.03 19.87
CA ARG A 152 8.94 3.43 19.47
CA ARG A 152 8.94 3.41 19.42
C ARG A 152 9.18 2.05 20.08
N GLU A 153 8.86 1.92 21.37
CA GLU A 153 9.05 0.70 22.07
C GLU A 153 8.31 -0.45 21.42
N TYR A 154 7.11 -0.17 20.92
CA TYR A 154 6.28 -1.22 20.28
C TYR A 154 6.99 -1.70 18.99
N TYR A 155 7.38 -0.67 18.19
CA TYR A 155 8.10 -0.99 16.94
C TYR A 155 9.38 -1.78 17.18
N GLU A 156 10.08 -1.43 18.26
CA GLU A 156 11.29 -2.17 18.62
CA GLU A 156 11.29 -2.17 18.62
C GLU A 156 10.99 -3.63 19.01
N LYS A 157 9.98 -3.81 19.84
CA LYS A 157 9.59 -5.16 20.24
C LYS A 157 9.22 -6.00 19.02
N TRP A 158 8.48 -5.41 18.07
CA TRP A 158 8.06 -6.17 16.88
C TRP A 158 9.21 -6.53 15.95
N LYS A 159 10.20 -5.64 15.89
CA LYS A 159 11.42 -5.93 15.14
C LYS A 159 12.23 -7.05 15.81
N GLU A 160 12.34 -7.01 17.13
CA GLU A 160 13.02 -8.11 17.85
C GLU A 160 12.27 -9.42 17.66
N ALA A 161 10.91 -9.39 17.58
CA ALA A 161 10.11 -10.57 17.39
C ALA A 161 10.28 -11.21 16.00
N GLY A 162 10.82 -10.42 15.09
CA GLY A 162 11.17 -10.91 13.75
C GLY A 162 10.49 -10.21 12.57
N ALA A 163 9.69 -9.18 12.82
CA ALA A 163 9.04 -8.52 11.70
C ALA A 163 10.09 -7.97 10.73
N ASP A 164 9.83 -8.07 9.45
CA ASP A 164 10.73 -7.63 8.41
C ASP A 164 10.45 -6.24 7.86
N ARG A 165 9.14 -5.93 7.70
CA ARG A 165 8.73 -4.74 7.00
C ARG A 165 7.58 -4.11 7.74
N TYR A 166 7.35 -2.83 7.43
CA TYR A 166 6.21 -2.07 8.02
C TYR A 166 5.65 -1.12 6.98
N LEU A 167 4.36 -1.14 6.81
CA LEU A 167 3.66 -0.24 5.89
C LEU A 167 2.98 0.83 6.67
N LEU A 168 3.25 2.08 6.41
CA LEU A 168 2.63 3.20 7.10
C LEU A 168 2.49 4.31 6.07
N ARG A 169 1.44 4.31 5.29
CA ARG A 169 1.30 5.32 4.28
C ARG A 169 1.42 6.67 4.89
N HIS A 170 2.04 7.62 4.22
CA HIS A 170 2.08 8.98 4.78
C HIS A 170 0.78 9.75 4.53
N GLU A 171 -0.07 9.24 3.65
CA GLU A 171 -1.42 9.70 3.33
C GLU A 171 -1.49 10.97 2.48
N THR A 172 -0.88 12.03 3.04
CA THR A 172 -0.70 13.31 2.38
C THR A 172 0.51 13.98 3.00
N ALA A 173 1.39 14.54 2.21
CA ALA A 173 2.55 15.26 2.72
C ALA A 173 2.22 16.74 2.95
N ASN A 174 1.01 17.13 2.80
CA ASN A 174 0.57 18.55 3.14
C ASN A 174 0.18 18.49 4.63
N PRO A 175 0.98 19.11 5.53
CA PRO A 175 0.68 18.97 6.97
C PRO A 175 -0.66 19.51 7.38
N VAL A 176 -1.12 20.56 6.67
CA VAL A 176 -2.37 21.16 7.02
C VAL A 176 -3.54 20.20 6.67
N LEU A 177 -3.52 19.70 5.45
CA LEU A 177 -4.53 18.77 5.01
C LEU A 177 -4.47 17.45 5.88
N HIS A 178 -3.23 17.06 6.20
CA HIS A 178 -3.05 15.83 7.00
C HIS A 178 -3.78 15.97 8.34
N ARG A 179 -3.57 17.08 9.05
CA ARG A 179 -4.19 17.28 10.34
C ARG A 179 -5.68 17.37 10.27
N LYS A 180 -6.22 17.97 9.23
CA LYS A 180 -7.64 18.02 9.06
C LYS A 180 -8.29 16.70 8.84
N LEU A 181 -7.65 15.86 8.01
CA LEU A 181 -8.18 14.53 7.70
C LEU A 181 -7.90 13.50 8.78
N ARG A 182 -6.90 13.75 9.61
CA ARG A 182 -6.45 12.81 10.64
C ARG A 182 -6.30 13.58 11.97
N PRO A 183 -7.51 13.86 12.52
CA PRO A 183 -7.56 14.78 13.66
C PRO A 183 -6.94 14.29 14.94
N ASP A 184 -6.60 13.02 15.06
CA ASP A 184 -5.97 12.49 16.21
C ASP A 184 -4.46 12.70 16.25
N THR A 185 -3.88 13.11 15.09
CA THR A 185 -2.46 13.05 14.91
C THR A 185 -1.97 14.13 13.92
N SER A 186 -0.81 13.93 13.34
CA SER A 186 -0.19 14.97 12.49
C SER A 186 0.74 14.35 11.51
N PHE A 187 1.08 15.10 10.46
CA PHE A 187 2.12 14.67 9.54
C PHE A 187 3.43 14.52 10.25
N GLU A 188 3.75 15.46 11.21
CA GLU A 188 4.99 15.32 11.92
C GLU A 188 5.10 13.97 12.67
N ASN A 189 3.99 13.57 13.31
N ASN A 189 3.98 13.59 13.34
CA ASN A 189 4.06 12.25 13.95
CA ASN A 189 3.90 12.27 14.00
C ASN A 189 4.17 11.10 12.97
C ASN A 189 4.14 11.12 12.99
N ARG A 190 3.44 11.21 11.87
CA ARG A 190 3.52 10.16 10.84
C ARG A 190 4.92 9.99 10.33
N LEU A 191 5.56 11.15 10.04
CA LEU A 191 6.95 11.11 9.60
C LEU A 191 7.89 10.59 10.64
N ASN A 192 7.67 11.00 11.91
CA ASN A 192 8.51 10.46 12.96
C ASN A 192 8.43 8.93 13.08
N CYS A 193 7.19 8.42 12.92
CA CYS A 193 7.02 6.97 12.91
C CYS A 193 7.81 6.29 11.74
N LEU A 194 7.67 6.89 10.53
CA LEU A 194 8.37 6.35 9.38
C LEU A 194 9.90 6.37 9.54
N LEU A 195 10.42 7.48 10.14
CA LEU A 195 11.87 7.59 10.41
C LEU A 195 12.31 6.60 11.45
N THR A 196 11.49 6.39 12.50
CA THR A 196 11.80 5.37 13.52
C THR A 196 11.88 4.00 12.93
N LEU A 197 10.87 3.68 12.06
CA LEU A 197 10.84 2.34 11.47
C LEU A 197 12.10 2.09 10.61
N LYS A 198 12.46 3.13 9.84
CA LYS A 198 13.69 3.05 9.02
C LYS A 198 14.95 2.85 9.90
N GLU A 199 15.03 3.58 11.00
CA GLU A 199 16.17 3.45 11.97
C GLU A 199 16.28 2.08 12.59
N LEU A 200 15.11 1.46 12.86
CA LEU A 200 15.08 0.16 13.46
C LEU A 200 15.38 -0.96 12.50
N GLY A 201 15.53 -0.66 11.21
CA GLY A 201 15.92 -1.60 10.21
C GLY A 201 14.80 -2.27 9.46
N TYR A 202 13.55 -1.79 9.63
CA TYR A 202 12.45 -2.28 8.79
C TYR A 202 12.64 -1.88 7.36
N GLU A 203 12.27 -2.74 6.40
N GLU A 203 12.27 -2.75 6.39
CA GLU A 203 11.90 -2.24 5.09
CA GLU A 203 11.91 -2.30 5.05
C GLU A 203 10.60 -1.45 5.29
C GLU A 203 10.61 -1.53 5.20
N THR A 204 10.59 -0.20 4.86
N THR A 204 10.63 -0.24 4.84
CA THR A 204 9.56 0.74 5.23
CA THR A 204 9.55 0.65 5.21
C THR A 204 8.80 1.16 4.02
C THR A 204 8.79 1.19 4.02
N GLY A 205 7.47 1.10 4.13
CA GLY A 205 6.58 1.54 3.08
C GLY A 205 5.80 2.79 3.43
N ALA A 206 5.73 3.69 2.50
CA ALA A 206 4.92 4.91 2.63
C ALA A 206 3.93 4.99 1.49
N GLY A 207 3.48 6.13 1.07
CA GLY A 207 2.50 6.24 0.06
C GLY A 207 1.31 7.08 0.43
N SER A 208 0.40 7.30 -0.49
CA SER A 208 -0.57 8.37 -0.35
C SER A 208 -1.81 8.03 -1.10
N MET A 209 -2.90 8.77 -0.76
CA MET A 209 -4.12 8.71 -1.54
C MET A 209 -4.14 9.89 -2.54
N VAL A 210 -4.81 9.65 -3.64
CA VAL A 210 -4.92 10.62 -4.71
C VAL A 210 -6.37 11.02 -4.86
N GLY A 211 -6.63 12.33 -4.91
CA GLY A 211 -7.98 12.83 -5.04
C GLY A 211 -8.71 13.09 -3.73
N LEU A 212 -7.95 13.23 -2.64
CA LEU A 212 -8.53 13.64 -1.33
C LEU A 212 -9.21 15.00 -1.53
N PRO A 213 -10.29 15.23 -0.79
CA PRO A 213 -10.92 16.57 -0.83
C PRO A 213 -9.94 17.63 -0.37
N GLY A 214 -9.80 18.66 -1.18
CA GLY A 214 -8.89 19.73 -0.89
C GLY A 214 -7.47 19.56 -1.33
N GLN A 215 -7.11 18.37 -1.88
CA GLN A 215 -5.75 18.11 -2.31
C GLN A 215 -5.54 18.66 -3.72
N THR A 216 -4.42 19.29 -3.94
CA THR A 216 -4.11 19.93 -5.21
C THR A 216 -3.06 19.15 -5.99
N ILE A 217 -2.86 19.54 -7.26
CA ILE A 217 -1.76 18.98 -8.01
C ILE A 217 -0.45 19.25 -7.36
N ASP A 218 -0.25 20.48 -6.80
CA ASP A 218 1.01 20.76 -6.14
C ASP A 218 1.20 19.83 -4.91
N ASP A 219 0.12 19.51 -4.25
CA ASP A 219 0.23 18.54 -3.16
C ASP A 219 0.73 17.14 -3.66
N LEU A 220 0.23 16.72 -4.81
CA LEU A 220 0.69 15.46 -5.42
C LEU A 220 2.18 15.51 -5.72
N VAL A 221 2.66 16.66 -6.27
CA VAL A 221 4.07 16.83 -6.49
C VAL A 221 4.84 16.67 -5.22
N ASP A 222 4.37 17.33 -4.13
CA ASP A 222 5.02 17.20 -2.87
C ASP A 222 5.06 15.78 -2.35
N ASP A 223 3.99 15.00 -2.64
CA ASP A 223 4.00 13.54 -2.27
C ASP A 223 5.13 12.85 -2.99
N LEU A 224 5.27 13.11 -4.31
CA LEU A 224 6.36 12.46 -5.06
C LEU A 224 7.74 12.87 -4.51
N LEU A 225 7.91 14.17 -4.21
CA LEU A 225 9.22 14.63 -3.71
C LEU A 225 9.55 14.06 -2.35
N PHE A 226 8.50 13.94 -1.50
CA PHE A 226 8.62 13.31 -0.17
C PHE A 226 9.10 11.88 -0.27
N LEU A 227 8.45 11.13 -1.19
CA LEU A 227 8.84 9.74 -1.41
C LEU A 227 10.26 9.62 -1.89
N LYS A 228 10.64 10.48 -2.85
CA LYS A 228 12.00 10.43 -3.37
C LYS A 228 13.01 10.82 -2.28
N GLU A 229 12.68 11.81 -1.49
CA GLU A 229 13.57 12.30 -0.42
C GLU A 229 13.95 11.20 0.55
N HIS A 230 12.96 10.42 0.95
CA HIS A 230 13.12 9.39 1.98
C HIS A 230 13.43 7.99 1.46
N ASP A 231 13.44 7.81 0.15
CA ASP A 231 13.92 6.59 -0.45
C ASP A 231 13.21 5.35 0.10
N PHE A 232 11.91 5.38 0.17
CA PHE A 232 11.18 4.28 0.80
C PHE A 232 11.34 3.00 -0.02
N ASP A 233 11.30 1.90 0.73
CA ASP A 233 11.39 0.56 0.12
C ASP A 233 10.15 0.19 -0.66
N MET A 234 9.00 0.59 -0.12
N MET A 234 9.01 0.60 -0.12
CA MET A 234 7.69 0.30 -0.74
CA MET A 234 7.72 0.34 -0.75
C MET A 234 6.88 1.57 -0.78
C MET A 234 6.89 1.59 -0.79
N VAL A 235 6.06 1.69 -1.82
CA VAL A 235 5.19 2.86 -1.96
C VAL A 235 3.82 2.39 -2.37
N GLY A 236 2.81 2.56 -1.51
CA GLY A 236 1.44 2.21 -1.79
C GLY A 236 0.61 3.44 -2.10
N ILE A 237 0.02 3.42 -3.32
CA ILE A 237 -0.74 4.56 -3.83
C ILE A 237 -2.08 4.06 -4.34
N GLY A 238 -3.15 4.75 -3.97
CA GLY A 238 -4.44 4.46 -4.53
C GLY A 238 -5.30 5.74 -4.54
N PRO A 239 -6.42 5.63 -5.22
CA PRO A 239 -7.38 6.73 -5.23
C PRO A 239 -8.16 6.78 -3.96
N PHE A 240 -8.55 8.00 -3.54
CA PHE A 240 -9.53 8.16 -2.48
C PHE A 240 -10.89 7.70 -2.97
N ILE A 241 -11.58 6.86 -2.18
CA ILE A 241 -12.87 6.36 -2.54
C ILE A 241 -13.82 6.72 -1.38
N PRO A 242 -14.82 7.60 -1.59
CA PRO A 242 -15.67 8.02 -0.46
CA PRO A 242 -15.70 8.00 -0.49
C PRO A 242 -16.47 6.87 0.11
N HIS A 243 -16.53 6.89 1.45
CA HIS A 243 -17.25 5.86 2.17
C HIS A 243 -18.53 6.53 2.80
N PRO A 244 -19.66 5.87 2.60
CA PRO A 244 -20.97 6.49 2.98
C PRO A 244 -21.16 6.70 4.47
N ASP A 245 -20.42 6.00 5.33
CA ASP A 245 -20.53 6.18 6.76
C ASP A 245 -19.41 7.04 7.33
N THR A 246 -18.93 8.06 6.55
CA THR A 246 -17.89 8.96 6.97
C THR A 246 -18.29 10.39 6.64
N PRO A 247 -17.57 11.35 7.17
CA PRO A 247 -17.85 12.75 6.81
C PRO A 247 -17.57 13.09 5.41
N LEU A 248 -16.80 12.27 4.69
CA LEU A 248 -16.42 12.55 3.29
C LEU A 248 -17.32 11.80 2.33
N ALA A 249 -18.46 11.28 2.78
CA ALA A 249 -19.35 10.48 1.97
C ALA A 249 -19.74 11.13 0.62
N ASN A 250 -19.88 12.46 0.65
CA ASN A 250 -20.37 13.17 -0.58
C ASN A 250 -19.33 13.79 -1.39
N GLU A 251 -18.05 13.48 -1.13
CA GLU A 251 -16.94 14.02 -1.89
C GLU A 251 -16.69 13.20 -3.16
N LYS A 252 -15.93 13.76 -4.09
CA LYS A 252 -15.65 13.06 -5.34
C LYS A 252 -14.58 11.96 -5.15
N LYS A 253 -14.73 10.89 -5.88
N LYS A 253 -14.71 10.87 -5.85
CA LYS A 253 -13.70 9.85 -5.98
CA LYS A 253 -13.65 9.86 -5.82
C LYS A 253 -12.43 10.42 -6.62
C LYS A 253 -12.44 10.39 -6.60
N GLY A 254 -11.29 9.87 -6.25
CA GLY A 254 -10.09 10.15 -6.99
C GLY A 254 -10.12 9.60 -8.43
N ASP A 255 -9.43 10.30 -9.29
CA ASP A 255 -9.33 9.92 -10.68
C ASP A 255 -8.38 8.77 -10.93
N PHE A 256 -8.84 7.74 -11.61
CA PHE A 256 -7.91 6.59 -11.85
C PHE A 256 -6.68 6.98 -12.64
N THR A 257 -6.85 7.71 -13.75
CA THR A 257 -5.71 8.02 -14.60
C THR A 257 -4.68 8.83 -13.88
N LEU A 258 -5.12 9.85 -13.08
CA LEU A 258 -4.20 10.65 -12.33
C LEU A 258 -3.42 9.78 -11.31
N THR A 259 -4.17 8.87 -10.66
CA THR A 259 -3.54 7.97 -9.68
C THR A 259 -2.50 7.09 -10.38
N LEU A 260 -2.85 6.59 -11.56
CA LEU A 260 -1.93 5.77 -12.35
C LEU A 260 -0.65 6.52 -12.72
N LYS A 261 -0.83 7.83 -13.04
CA LYS A 261 0.32 8.65 -13.28
C LYS A 261 1.24 8.81 -12.06
N MET A 262 0.61 8.88 -10.87
CA MET A 262 1.39 8.91 -9.65
C MET A 262 2.19 7.61 -9.46
N VAL A 263 1.57 6.45 -9.76
CA VAL A 263 2.33 5.18 -9.69
C VAL A 263 3.46 5.19 -10.69
N ALA A 264 3.21 5.62 -11.93
CA ALA A 264 4.25 5.63 -12.95
C ALA A 264 5.41 6.53 -12.53
N LEU A 265 5.08 7.76 -12.07
CA LEU A 265 6.13 8.64 -11.62
C LEU A 265 6.92 8.17 -10.46
N THR A 266 6.23 7.44 -9.53
CA THR A 266 6.92 6.81 -8.37
C THR A 266 7.96 5.80 -8.85
N ARG A 267 7.58 4.97 -9.84
CA ARG A 267 8.55 4.01 -10.37
C ARG A 267 9.73 4.74 -11.03
N ILE A 268 9.43 5.81 -11.80
CA ILE A 268 10.51 6.57 -12.45
C ILE A 268 11.46 7.15 -11.42
N LEU A 269 10.89 7.68 -10.31
CA LEU A 269 11.69 8.29 -9.28
C LEU A 269 12.44 7.34 -8.41
N LEU A 270 11.86 6.18 -8.13
CA LEU A 270 12.37 5.14 -7.23
C LEU A 270 12.44 3.83 -8.00
N PRO A 271 13.37 3.69 -8.94
CA PRO A 271 13.26 2.60 -9.89
C PRO A 271 13.42 1.23 -9.33
N ASP A 272 14.09 1.09 -8.17
CA ASP A 272 14.29 -0.20 -7.53
C ASP A 272 13.37 -0.43 -6.37
N SER A 273 12.29 0.32 -6.24
CA SER A 273 11.37 0.11 -5.13
C SER A 273 10.33 -0.96 -5.43
N ASN A 274 9.64 -1.38 -4.38
CA ASN A 274 8.50 -2.29 -4.49
C ASN A 274 7.22 -1.49 -4.43
N ILE A 275 6.38 -1.61 -5.47
CA ILE A 275 5.19 -0.79 -5.69
C ILE A 275 4.00 -1.69 -6.00
N PRO A 276 3.02 -1.73 -5.04
CA PRO A 276 1.85 -2.55 -5.33
C PRO A 276 0.87 -1.98 -6.30
N ALA A 277 0.15 -2.82 -6.99
CA ALA A 277 -1.06 -2.53 -7.73
C ALA A 277 -2.21 -2.72 -6.76
N THR A 278 -2.69 -1.64 -6.16
CA THR A 278 -3.54 -1.73 -5.00
C THR A 278 -4.95 -2.15 -5.31
N THR A 279 -5.59 -2.76 -4.32
CA THR A 279 -6.99 -3.18 -4.45
C THR A 279 -7.88 -1.97 -4.75
N ALA A 280 -7.54 -0.79 -4.21
CA ALA A 280 -8.32 0.40 -4.53
C ALA A 280 -8.33 0.73 -6.01
N MET A 281 -7.19 0.54 -6.69
CA MET A 281 -7.13 0.68 -8.12
C MET A 281 -8.07 -0.32 -8.85
N GLY A 282 -8.16 -1.53 -8.35
CA GLY A 282 -9.04 -2.53 -8.94
C GLY A 282 -10.50 -2.34 -8.56
N THR A 283 -10.76 -1.52 -7.58
CA THR A 283 -12.11 -1.18 -7.15
C THR A 283 -12.70 -0.03 -7.98
N ILE A 284 -11.98 1.05 -8.32
CA ILE A 284 -12.56 2.13 -9.09
C ILE A 284 -12.72 1.84 -10.57
N VAL A 285 -11.87 0.92 -11.10
CA VAL A 285 -11.94 0.56 -12.50
C VAL A 285 -11.82 -0.93 -12.60
N PRO A 286 -12.72 -1.63 -13.30
CA PRO A 286 -12.54 -3.07 -13.48
C PRO A 286 -11.23 -3.34 -14.24
N GLY A 287 -10.43 -4.25 -13.67
CA GLY A 287 -9.13 -4.49 -14.28
C GLY A 287 -8.07 -3.45 -13.93
N GLY A 288 -8.33 -2.62 -12.93
CA GLY A 288 -7.39 -1.59 -12.57
C GLY A 288 -6.07 -2.07 -12.00
N ARG A 289 -6.06 -3.23 -11.28
CA ARG A 289 -4.75 -3.70 -10.79
C ARG A 289 -3.88 -4.13 -11.95
N GLU A 290 -4.46 -4.84 -12.91
CA GLU A 290 -3.70 -5.31 -14.04
C GLU A 290 -3.12 -4.15 -14.84
N ILE A 291 -3.90 -3.11 -15.06
CA ILE A 291 -3.36 -1.91 -15.71
C ILE A 291 -2.13 -1.40 -14.89
N THR A 292 -2.30 -1.28 -13.57
CA THR A 292 -1.28 -0.70 -12.72
C THR A 292 0.01 -1.52 -12.76
N LEU A 293 -0.09 -2.86 -12.79
CA LEU A 293 1.07 -3.72 -12.93
C LEU A 293 1.80 -3.50 -14.25
N ARG A 294 1.15 -2.89 -15.26
CA ARG A 294 1.77 -2.58 -16.53
C ARG A 294 2.19 -1.14 -16.65
N CYS A 295 2.11 -0.36 -15.57
CA CYS A 295 2.47 1.03 -15.57
C CYS A 295 3.43 1.37 -14.41
N GLY A 296 4.15 0.33 -13.92
CA GLY A 296 5.17 0.58 -12.93
C GLY A 296 5.12 -0.31 -11.72
N ALA A 297 3.97 -0.90 -11.41
CA ALA A 297 3.89 -1.74 -10.21
C ALA A 297 4.47 -3.13 -10.43
N ASN A 298 4.88 -3.73 -9.32
CA ASN A 298 5.50 -5.05 -9.33
C ASN A 298 5.11 -5.93 -8.16
N VAL A 299 4.09 -5.53 -7.41
CA VAL A 299 3.61 -6.27 -6.21
C VAL A 299 2.08 -6.33 -6.30
N ILE A 300 1.54 -7.43 -5.76
CA ILE A 300 0.11 -7.59 -5.62
C ILE A 300 -0.16 -8.14 -4.26
N MET A 301 -1.27 -7.71 -3.66
CA MET A 301 -1.62 -8.04 -2.31
C MET A 301 -3.00 -8.73 -2.23
N PRO A 302 -3.07 -10.01 -2.52
CA PRO A 302 -4.38 -10.70 -2.46
C PRO A 302 -4.91 -10.70 -1.03
N ASN A 303 -6.22 -10.55 -0.92
N ASN A 303 -6.20 -10.47 -0.91
CA ASN A 303 -6.85 -10.50 0.39
CA ASN A 303 -6.80 -10.47 0.40
C ASN A 303 -6.97 -11.92 0.93
C ASN A 303 -6.97 -11.89 0.93
N TRP A 304 -6.47 -12.11 2.13
CA TRP A 304 -6.50 -13.43 2.76
C TRP A 304 -7.24 -13.38 4.07
N THR A 305 -8.06 -12.37 4.29
CA THR A 305 -8.90 -12.27 5.50
C THR A 305 -10.02 -13.32 5.36
N PRO A 306 -10.20 -14.15 6.41
CA PRO A 306 -11.26 -15.16 6.28
C PRO A 306 -12.63 -14.61 6.37
N SER A 307 -13.61 -15.28 5.76
N SER A 307 -13.59 -15.30 5.78
CA SER A 307 -15.02 -15.04 6.15
CA SER A 307 -14.99 -15.07 6.17
C SER A 307 -15.20 -15.57 7.61
C SER A 307 -15.19 -15.60 7.62
N PRO A 308 -16.07 -14.96 8.41
CA PRO A 308 -17.01 -13.94 8.11
C PRO A 308 -16.56 -12.56 8.23
N TYR A 309 -15.27 -12.34 8.48
CA TYR A 309 -14.70 -11.03 8.76
C TYR A 309 -14.34 -10.18 7.58
N ARG A 310 -13.94 -10.81 6.49
CA ARG A 310 -13.53 -10.08 5.32
C ARG A 310 -14.46 -8.96 4.93
N GLN A 311 -15.79 -9.27 4.90
CA GLN A 311 -16.73 -8.27 4.50
C GLN A 311 -16.91 -7.13 5.47
N LEU A 312 -16.40 -7.27 6.67
CA LEU A 312 -16.48 -6.22 7.65
C LEU A 312 -15.29 -5.28 7.68
N TYR A 313 -14.33 -5.48 6.80
CA TYR A 313 -13.12 -4.62 6.72
C TYR A 313 -13.19 -3.82 5.44
N GLN A 314 -13.98 -2.77 5.45
CA GLN A 314 -14.15 -2.00 4.21
C GLN A 314 -13.83 -0.54 4.52
N LEU A 315 -12.58 -0.21 4.27
CA LEU A 315 -12.06 1.11 4.43
C LEU A 315 -12.83 2.04 3.49
N TYR A 316 -13.15 1.50 2.34
CA TYR A 316 -13.91 2.16 1.29
C TYR A 316 -14.89 1.11 0.76
N PRO A 317 -15.96 1.46 0.18
CA PRO A 317 -16.92 0.49 -0.33
C PRO A 317 -16.51 -0.10 -1.62
N GLY A 318 -17.26 -1.14 -1.94
CA GLY A 318 -17.08 -1.79 -3.22
C GLY A 318 -15.86 -2.66 -3.23
N LYS A 319 -15.17 -2.86 -2.18
N LYS A 319 -15.14 -2.88 -2.18
CA LYS A 319 -13.96 -3.62 -2.23
CA LYS A 319 -13.91 -3.64 -2.18
C LYS A 319 -14.21 -4.95 -2.98
C LYS A 319 -14.16 -4.99 -2.93
N ILE A 320 -13.49 -5.14 -4.01
CA ILE A 320 -13.41 -6.43 -4.72
C ILE A 320 -12.92 -7.61 -3.81
N SER A 321 -13.13 -8.82 -4.24
CA SER A 321 -12.71 -10.01 -3.48
C SER A 321 -13.58 -10.42 -2.30
N VAL A 322 -14.67 -9.75 -2.08
CA VAL A 322 -15.56 -10.09 -0.99
C VAL A 322 -16.52 -11.20 -1.25
N PHE A 323 -17.04 -11.36 -2.43
CA PHE A 323 -17.99 -12.43 -2.67
C PHE A 323 -17.40 -13.85 -2.94
N GLU A 324 -16.14 -14.00 -3.23
CA GLU A 324 -15.53 -15.27 -3.55
C GLU A 324 -15.12 -16.01 -2.30
N LYS A 325 -14.83 -17.29 -2.46
CA LYS A 325 -14.37 -18.08 -1.35
C LYS A 325 -13.12 -17.44 -0.87
N ASP A 326 -12.87 -17.49 0.40
CA ASP A 326 -11.75 -16.81 1.02
C ASP A 326 -10.35 -17.36 0.64
N THR A 327 -10.26 -18.46 -0.11
CA THR A 327 -9.00 -18.95 -0.60
C THR A 327 -8.80 -18.68 -2.10
N ALA A 328 -9.75 -17.97 -2.71
CA ALA A 328 -9.66 -17.67 -4.15
C ALA A 328 -8.58 -16.66 -4.55
N SER A 329 -8.21 -15.77 -3.66
CA SER A 329 -7.39 -14.64 -4.09
C SER A 329 -5.96 -14.96 -4.53
N ILE A 330 -5.31 -15.90 -3.83
CA ILE A 330 -3.97 -16.29 -4.23
C ILE A 330 -3.96 -17.02 -5.59
N PRO A 331 -4.83 -18.04 -5.81
CA PRO A 331 -4.88 -18.58 -7.16
C PRO A 331 -5.26 -17.55 -8.21
N SER A 332 -6.17 -16.64 -7.87
N SER A 332 -6.20 -16.65 -7.90
CA SER A 332 -6.56 -15.64 -8.83
CA SER A 332 -6.57 -15.63 -8.88
C SER A 332 -5.39 -14.73 -9.27
C SER A 332 -5.41 -14.71 -9.28
N VAL A 333 -4.58 -14.30 -8.30
CA VAL A 333 -3.43 -13.47 -8.66
C VAL A 333 -2.35 -14.27 -9.37
N MET A 334 -2.23 -15.55 -9.12
CA MET A 334 -1.29 -16.31 -9.88
CA MET A 334 -1.33 -16.43 -9.87
C MET A 334 -1.74 -16.41 -11.35
N LYS A 335 -3.01 -16.58 -11.59
CA LYS A 335 -3.55 -16.54 -12.97
C LYS A 335 -3.29 -15.16 -13.57
N MET A 336 -3.55 -14.10 -12.81
CA MET A 336 -3.32 -12.75 -13.28
C MET A 336 -1.88 -12.56 -13.75
N ILE A 337 -0.95 -12.96 -12.92
CA ILE A 337 0.47 -12.83 -13.22
C ILE A 337 0.80 -13.57 -14.55
N GLU A 338 0.28 -14.77 -14.73
CA GLU A 338 0.53 -15.50 -15.96
C GLU A 338 -0.07 -14.79 -17.16
N LEU A 339 -1.32 -14.34 -17.08
CA LEU A 339 -1.95 -13.75 -18.28
C LEU A 339 -1.34 -12.41 -18.60
N LEU A 340 -0.64 -11.77 -17.64
CA LEU A 340 0.13 -10.58 -17.90
C LEU A 340 1.50 -10.89 -18.51
N GLY A 341 1.88 -12.13 -18.66
CA GLY A 341 3.19 -12.44 -19.15
C GLY A 341 4.28 -12.22 -18.15
N ARG A 342 3.96 -12.33 -16.90
CA ARG A 342 4.88 -12.08 -15.78
C ARG A 342 5.16 -13.39 -15.03
N LYS A 343 5.94 -13.34 -13.99
CA LYS A 343 6.36 -14.52 -13.23
C LYS A 343 6.12 -14.31 -11.78
N PRO A 344 5.78 -15.35 -10.92
CA PRO A 344 5.59 -15.08 -9.46
C PRO A 344 7.04 -14.92 -8.86
N GLY A 345 7.09 -14.17 -7.82
CA GLY A 345 8.32 -14.02 -7.08
C GLY A 345 8.80 -15.33 -6.57
N ARG A 346 10.14 -15.47 -6.59
CA ARG A 346 10.80 -16.73 -6.17
C ARG A 346 11.33 -16.71 -4.72
N ASP A 347 11.52 -15.55 -4.20
CA ASP A 347 12.09 -15.34 -2.86
C ASP A 347 11.12 -14.43 -2.12
N TRP A 348 11.54 -13.80 -1.03
CA TRP A 348 10.61 -12.96 -0.30
C TRP A 348 10.32 -11.66 -0.97
N GLY A 349 11.00 -11.32 -2.06
CA GLY A 349 10.72 -10.07 -2.71
C GLY A 349 11.11 -8.85 -1.92
N GLY A 350 12.21 -8.91 -1.16
CA GLY A 350 12.72 -7.75 -0.50
C GLY A 350 13.28 -6.76 -1.49
N ARG A 351 13.52 -5.56 -1.10
CA ARG A 351 14.11 -4.58 -2.01
C ARG A 351 15.51 -4.97 -2.44
N LYS A 352 15.79 -4.92 -3.70
CA LYS A 352 17.13 -5.23 -4.29
C LYS A 352 17.65 -3.92 -4.84
N ARG A 353 18.43 -3.20 -4.03
CA ARG A 353 18.87 -1.89 -4.40
C ARG A 353 19.86 -1.94 -5.52
N VAL A 354 19.66 -1.01 -6.46
CA VAL A 354 20.55 -0.78 -7.59
C VAL A 354 21.16 0.61 -7.37
N PHE A 355 22.39 0.64 -6.85
CA PHE A 355 23.04 1.90 -6.56
C PHE A 355 23.44 2.56 -7.85
N GLU A 356 23.16 3.82 -7.98
CA GLU A 356 23.48 4.52 -9.17
C GLU A 356 23.99 5.90 -8.92
N THR A 357 23.87 6.77 -9.91
CA THR A 357 24.35 8.15 -9.78
C THR A 357 23.08 9.06 -9.84
SE4 SFS B . -9.50 5.39 11.13
FE1 SFS B . -8.79 3.91 9.34
FE3 SFS B . -7.30 5.95 10.34
FE2 SFS B . -7.97 3.80 11.91
SE3 SFS B . -8.06 2.03 10.38
FE4 SFS B . -6.00 3.24 9.78
SE2 SFS B . -6.98 4.93 8.20
SE1 SFS B . -5.83 4.83 11.81
C1 CPS C . -1.54 -22.25 -5.73
C2 CPS C . -2.21 -23.60 -6.05
C3 CPS C . -2.16 -24.11 -3.49
C4 CPS C . -1.89 -25.12 -2.38
C5 CPS C . -2.58 -26.46 -2.66
C6 CPS C . -2.08 -26.93 -4.01
C7 CPS C . -2.62 -28.36 -4.09
C8 CPS C . -2.62 -28.88 -2.66
C9 CPS C . -2.19 -27.65 -1.79
C10 CPS C . -4.08 -26.24 -2.58
C11 CPS C . -3.72 -23.38 -6.13
C12 CPS C . -0.04 -22.29 -5.86
C13 CPS C . 0.37 -22.73 -7.24
C14 CPS C . -0.17 -24.14 -7.50
C15 CPS C . -1.66 -24.17 -7.35
C16 CPS C . -2.24 -25.57 -7.65
C17 CPS C . -2.06 -26.61 -6.54
C18 CPS C . -2.46 -26.02 -5.18
C19 CPS C . -1.85 -24.65 -4.93
C20 CPS C . -2.71 -27.74 -0.37
C21 CPS C . -2.30 -26.56 0.52
C22 CPS C . -2.27 -29.08 0.32
C23 CPS C . -0.78 -29.41 0.35
C24 CPS C . 0.12 -28.46 1.11
C25 CPS C . 2.02 -26.99 0.95
C26 CPS C . 2.85 -26.43 -0.24
C27 CPS C . 3.83 -25.41 0.24
C28 CPS C . 3.55 -23.73 -1.51
C29 CPS C . 5.49 -23.74 -0.11
C30 CPS C . 5.06 -25.55 -1.84
C31 CPS C . 5.89 -24.83 -2.88
C32 CPS C . 6.20 -25.94 -3.93
N1 CPS C . 1.04 -27.95 0.40
N2 CPS C . 4.47 -24.63 -0.84
O1 CPS C . -0.11 -28.21 2.27
O2 CPS C . 1.79 -22.81 -7.31
O3 CPS C . -0.66 -27.04 -6.49
O4 CPS C . -0.47 -25.29 -2.26
O2S CPS C . 7.43 -26.44 -6.07
O3S CPS C . 7.97 -24.54 -4.96
O1S CPS C . 5.76 -24.66 -6.08
S CPS C . 6.86 -25.34 -5.37
C1 CPS D . 0.28 -0.75 -20.38
C2 CPS D . -0.47 0.35 -21.18
C3 CPS D . -1.67 -1.49 -22.56
C4 CPS D . -2.25 -1.93 -23.91
C5 CPS D . -3.06 -0.78 -24.56
C6 CPS D . -2.14 0.42 -24.67
C7 CPS D . -2.95 1.44 -25.50
C8 CPS D . -3.78 0.51 -26.45
C9 CPS D . -3.52 -0.93 -26.00
C10 CPS D . -4.25 -0.52 -23.67
C11 CPS D . -1.66 0.70 -20.32
C12 CPS D . 1.61 -1.08 -20.95
C13 CPS D . 2.49 0.09 -20.94
C14 CPS D . 1.85 1.18 -21.78
C15 CPS D . 0.48 1.53 -21.31
C16 CPS D . -0.18 2.65 -22.16
C17 CPS D . -0.73 2.18 -23.51
C18 CPS D . -1.61 0.96 -23.34
C19 CPS D . -0.89 -0.15 -22.58
C20 CPS D . -4.72 -1.83 -26.27
C21 CPS D . -4.38 -3.29 -25.93
C22 CPS D . -5.16 -1.74 -27.69
C23 CPS D . -4.09 -2.16 -28.65
C24 CPS D . -4.71 -2.36 -30.01
C25 CPS D . -4.53 -2.04 -32.36
C26 CPS D . -4.23 -3.55 -32.64
C27 CPS D . -2.71 -3.65 -32.69
C28 CPS D . -0.74 -4.93 -32.99
C29 CPS D . -2.67 -6.08 -32.01
C30 CPS D . -2.61 -5.41 -34.41
C31 CPS D . -2.27 -4.35 -35.42
C32 CPS D . -2.94 -4.68 -36.75
N1 CPS D . -4.18 -1.63 -30.99
N2 CPS D . -2.21 -5.03 -33.03
O1 CPS D . -5.64 -3.05 -30.12
O2 CPS D . 3.76 -0.23 -21.49
O3 CPS D . 0.33 1.93 -24.43
O4 CPS D . -1.17 -2.32 -24.77
O2S CPS D . -4.56 -2.77 -37.05
O3S CPS D . -5.21 -4.64 -35.98
O1S CPS D . -4.83 -4.57 -38.28
S CPS D . -4.46 -4.16 -36.96
C1 CPS E . -5.41 2.79 -21.66
C2 CPS E . -5.78 3.10 -20.23
C3 CPS E . -8.23 2.46 -20.76
C4 CPS E . -9.70 2.72 -20.50
C5 CPS E . -10.02 2.86 -19.04
C6 CPS E . -9.14 3.95 -18.46
C7 CPS E . -9.71 4.17 -17.06
C8 CPS E . -11.19 3.96 -17.24
C9 CPS E . -11.40 3.39 -18.65
C10 CPS E . -9.76 1.52 -18.36
C11 CPS E . -5.46 1.81 -19.46
C12 CPS E . -5.46 4.05 -22.54
C13 CPS E . -4.53 5.09 -21.97
C14 CPS E . -4.94 5.43 -20.57
C15 CPS E . -4.93 4.23 -19.68
C16 CPS E . -5.32 4.64 -18.25
C17 CPS E . -6.80 4.84 -18.02
C18 CPS E . -7.65 3.74 -18.65
C19 CPS E . -7.29 3.46 -20.11
C20 CPS E . -12.58 2.41 -18.63
C21 CPS E . -12.85 1.81 -20.00
C22 CPS E . -13.86 3.06 -18.17
C23 CPS E . -14.82 1.99 -17.64
C24 CPS E . -16.14 2.43 -17.06
N1 CPS E . -17.09 2.56 -17.91
O1 CPS E . -16.27 2.62 -15.87
O2 CPS E . -4.63 6.26 -22.80
O3 CPS E . -7.25 6.10 -18.64
O4 CPS E . -10.05 3.92 -21.24
C1 CPS F . -7.59 2.55 -25.02
C2 CPS F . -8.77 1.62 -25.10
C3 CPS F . -8.05 0.79 -27.44
C4 CPS F . -8.48 0.37 -28.87
C5 CPS F . -9.66 -0.54 -28.86
C6 CPS F . -10.78 0.05 -28.02
C7 CPS F . -12.02 -0.78 -28.33
C8 CPS F . -11.80 -1.25 -29.77
C9 CPS F . -10.41 -0.75 -30.18
C10 CPS F . -9.23 -1.90 -28.32
C11 CPS F . -8.34 0.31 -24.41
C12 CPS F . -7.95 3.97 -25.44
C13 CPS F . -9.06 4.51 -24.59
C14 CPS F . -10.28 3.63 -24.78
C15 CPS F . -9.96 2.21 -24.33
C16 CPS F . -11.24 1.36 -24.39
C17 CPS F . -11.63 0.92 -25.82
C18 CPS F . -10.43 0.35 -26.59
C19 CPS F . -9.23 1.29 -26.57
C20 CPS F . -9.81 -1.60 -31.27
C21 CPS F . -8.46 -1.11 -31.74
C22 CPS F . -10.75 -1.71 -32.47
C23 CPS F . -11.08 -0.39 -33.21
C24 CPS F . -11.93 -0.68 -34.45
N1 CPS F . -11.48 -1.30 -35.46
O1 CPS F . -13.15 -0.45 -34.40
O2 CPS F . -9.37 5.86 -25.04
O3 CPS F . -12.23 2.03 -26.51
O4 CPS F . -8.84 1.64 -29.57
C1 CPS G . -5.84 -20.57 -11.23
C1 CPS G . 2.78 -22.39 -11.14
C2 CPS G . -4.92 -21.71 -10.82
C2 CPS G . 1.85 -21.24 -11.60
C3 CPS G . -3.01 -20.85 -12.13
C3 CPS G . -0.20 -22.62 -10.78
C4 CPS G . -1.87 -21.06 -13.07
C4 CPS G . -1.70 -23.00 -11.04
C5 CPS G . -1.02 -22.17 -12.48
C5 CPS G . -2.55 -21.78 -11.33
C6 CPS G . -1.80 -23.45 -12.35
C6 CPS G . -1.99 -21.07 -12.53
C7 CPS G . -0.80 -24.40 -11.94
C7 CPS G . -3.01 -19.99 -12.90
C8 CPS G . 0.39 -24.06 -12.83
C8 CPS G . -4.38 -20.68 -12.61
C9 CPS G . 0.08 -22.65 -13.39
C9 CPS G . -4.01 -21.97 -11.83
C10 CPS G . -0.41 -21.68 -11.15
C10 CPS G . -2.63 -20.93 -10.07
C11 CPS G . -4.33 -21.21 -9.48
C11 CPS G . 1.94 -20.19 -10.52
C12 CPS G . -6.68 -20.82 -12.53
C12 CPS G . 3.07 -23.45 -12.19
C13 CPS G . -7.51 -22.13 -12.22
C13 CPS G . 3.68 -22.78 -13.43
C14 CPS G . -6.57 -23.30 -11.89
C14 CPS G . 2.80 -21.65 -13.97
C15 CPS G . -5.80 -22.97 -10.61
C15 CPS G . 2.40 -20.63 -12.89
C16 CPS G . -4.89 -24.18 -10.19
C16 CPS G . 1.50 -19.55 -13.50
C17 CPS G . -3.79 -24.50 -11.12
C17 CPS G . 0.04 -19.98 -13.63
C18 CPS G . -2.99 -23.25 -11.42
C18 CPS G . -0.52 -20.61 -12.37
C19 CPS G . -3.87 -22.07 -11.87
C19 CPS G . 0.40 -21.74 -11.90
C20 CPS G . 1.29 -21.75 -13.52
C20 CPS G . -5.17 -22.42 -10.90
C21 CPS G . 0.94 -20.44 -14.18
C21 CPS G . -4.85 -23.75 -10.21
C22 CPS G . 2.17 -22.59 -14.44
C22 CPS G . -6.48 -22.53 -11.66
O2 CPS G . -8.43 -22.49 -13.28
O2 CPS G . 3.96 -23.77 -14.45
O3 CPS G . -4.20 -25.16 -12.37
O3 CPS G . -0.16 -20.90 -14.78
O4 CPS G . -2.43 -21.44 -14.32
O4 CPS G . -1.75 -24.02 -12.05
CL CL H . 5.41 -6.34 2.01
N1 5AD I . -10.39 5.38 0.10
C2 5AD I . -9.24 4.87 -0.34
N3 5AD I . -8.22 4.47 0.44
C4 5AD I . -8.40 4.52 1.73
N9 5AD I . -7.64 4.16 2.74
C8 5AD I . -8.35 4.40 3.86
N7 5AD I . -9.53 4.87 3.58
C5 5AD I . -9.63 4.96 2.24
C6 5AD I . -10.63 5.41 1.35
N6 5AD I . -11.84 5.87 1.79
C1' 5AD I . -6.23 3.81 2.61
C2' 5AD I . -5.31 4.70 3.43
C3' 5AD I . -4.66 3.71 4.37
C4' 5AD I . -4.68 2.44 3.56
C5' 5AD I . -4.74 1.22 4.43
O4' 5AD I . -6.01 2.49 3.02
O2' 5AD I . -4.37 5.30 2.53
O3' 5AD I . -3.29 4.01 4.72
N MET J . -4.58 1.77 10.67
CA MET J . -3.31 1.56 9.95
C MET J . -2.90 2.86 9.25
O MET J . -1.77 3.03 8.85
CB MET J . -3.49 0.42 8.96
CG MET J . -4.10 0.86 7.63
SD MET J . -5.74 1.57 7.77
CE MET J . -6.54 -0.03 8.18
OXT MET J . -3.87 3.70 9.21
C2 9SE K . -2.55 -1.65 0.67
C5 9SE K . -4.87 -0.36 1.26
O 9SE K . -1.16 -0.44 -0.71
C2A 9SE K . -1.20 -1.22 0.19
OXT 9SE K . -0.16 -1.55 0.80
N3 9SE K . -3.57 -1.61 -0.38
C2B 9SE K . -2.50 -3.09 1.26
SE1 9SE K . -3.11 -0.50 2.12
C4 9SE K . -4.93 -1.42 0.24
C4A 9SE K . -6.01 -1.14 -0.80
O41 9SE K . -7.15 -1.57 -0.43
O42 9SE K . -5.85 -0.58 -1.80
#